data_1ZSQ
#
_entry.id   1ZSQ
#
_cell.length_a   66.227
_cell.length_b   66.227
_cell.length_c   261.678
_cell.angle_alpha   90
_cell.angle_beta   90
_cell.angle_gamma   90
#
_symmetry.space_group_name_H-M   'P 41 21 2'
#
loop_
_entity.id
_entity.type
_entity.pdbx_description
1 polymer 'Myotubularin-related protein 2'
2 non-polymer 1,2-ETHANEDIOL
3 non-polymer '2-(BUTANOYLOXY)-1-{[(HYDROXY{[2,3,4,6-TETRAHYDROXY-5-(PHOSPHONOOXY)CYCLOHEXYL]OXY}PHOSPHORYL)OXY]METHYL}ETHYL BUTANOATE'
4 water water
#
_entity_poly.entity_id   1
_entity_poly.type   'polypeptide(L)'
_entity_poly.pdbx_seq_one_letter_code
;MASMEEPPLLPGENIKDMAKDVTYICPFTGAVRGTLTVTNYRLYFKSMERDPPFVLDASLGVINRVEKIGGASSRGENSY
GLETVCKDIRNLRFAHKPEGRTRRSIFENLMKYAFPVSNNLPLFAFEYKEVFPENGWKLYDPLLEYRRQGIPNESWRITK
INERYELCDTYPALLVVPANIPDEELKRVASFRSRGRIPVLSWIHPESQATITRCSQPMVGVSGKRSKEDEKYLQAIMDS
NAQSHKIFIFDARPSVNAVANKAKGGGYESEDAYQNAELVFLDIHNIHVMRESLRKLKEIVYPNIEETHWLSNLESTHWL
EHIKLILAGALRIADKVESGKTSVVVHSSDGWDRTAQLTSLAMLMLDGYYRTIRGFEVLVEKEWLSFGHRFQLRVGHGDK
NHADADRSPVFLQFIDCVWQMTRQFPTAFEFNEYFLITILDHLYSCLFGTFLCNSEQQRGKENLPKRTVSLWSYINSQLE
DFTNPLYGSYSNHVLYPVASMRHLELWVGYYIRWNPRAAALEHHHHHH
;
_entity_poly.pdbx_strand_id   A
#
# COMPACT_ATOMS: atom_id res chain seq x y z
N MET A 4 -22.41 19.95 -22.48
CA MET A 4 -23.19 18.82 -21.90
C MET A 4 -22.34 17.61 -21.57
N GLU A 5 -21.69 17.01 -22.57
CA GLU A 5 -20.84 15.84 -22.32
C GLU A 5 -19.43 16.26 -21.89
N GLU A 6 -19.28 17.51 -21.45
CA GLU A 6 -17.97 18.00 -21.03
C GLU A 6 -17.73 17.64 -19.56
N PRO A 7 -16.51 17.21 -19.25
CA PRO A 7 -16.21 16.89 -17.89
C PRO A 7 -16.10 18.02 -16.87
N PRO A 8 -16.54 17.43 -15.64
CA PRO A 8 -16.38 18.46 -14.52
C PRO A 8 -14.87 18.67 -14.30
N LEU A 9 -14.53 19.79 -13.69
CA LEU A 9 -13.11 20.16 -13.56
C LEU A 9 -12.74 20.58 -12.16
N LEU A 10 -11.65 20.05 -11.68
CA LEU A 10 -11.15 20.38 -10.35
C LEU A 10 -10.28 21.58 -10.53
N PRO A 11 -10.09 22.37 -9.47
CA PRO A 11 -9.22 23.54 -9.65
C PRO A 11 -7.81 23.13 -10.05
N GLY A 12 -7.40 23.56 -11.24
CA GLY A 12 -6.08 23.22 -11.75
C GLY A 12 -6.16 22.20 -12.88
N GLU A 13 -7.35 21.65 -13.08
CA GLU A 13 -7.57 20.65 -14.13
C GLU A 13 -7.93 21.35 -15.45
N ASN A 14 -7.46 20.81 -16.57
CA ASN A 14 -7.71 21.37 -17.90
C ASN A 14 -7.97 20.31 -18.94
N ILE A 15 -8.86 20.62 -19.89
CA ILE A 15 -9.14 19.70 -20.98
C ILE A 15 -7.93 19.76 -21.90
N LYS A 16 -7.43 18.60 -22.32
CA LYS A 16 -6.26 18.55 -23.19
C LYS A 16 -6.61 18.04 -24.58
N ASP A 17 -7.72 17.33 -24.68
CA ASP A 17 -8.17 16.83 -25.95
C ASP A 17 -9.61 16.38 -25.80
N MET A 18 -10.33 16.36 -26.91
CA MET A 18 -11.72 15.95 -26.91
C MET A 18 -12.04 15.31 -28.25
N ALA A 19 -12.71 14.17 -28.20
CA ALA A 19 -13.08 13.45 -29.40
C ALA A 19 -14.58 13.24 -29.43
N LYS A 20 -15.22 13.76 -30.47
CA LYS A 20 -16.66 13.59 -30.62
C LYS A 20 -16.95 12.27 -31.31
N ASP A 21 -18.14 11.74 -31.06
CA ASP A 21 -18.60 10.48 -31.64
C ASP A 21 -17.67 9.27 -31.52
N VAL A 22 -17.21 9.04 -30.29
CA VAL A 22 -16.38 7.90 -29.97
C VAL A 22 -17.34 6.90 -29.33
N THR A 23 -17.18 5.62 -29.64
CA THR A 23 -18.06 4.61 -29.06
C THR A 23 -17.36 3.84 -27.93
N TYR A 24 -17.93 3.89 -26.73
CA TYR A 24 -17.36 3.13 -25.61
C TYR A 24 -18.04 1.76 -25.64
N ILE A 25 -17.23 0.71 -25.64
CA ILE A 25 -17.77 -0.64 -25.67
C ILE A 25 -17.96 -1.16 -24.24
N CYS A 26 -19.13 -0.89 -23.66
CA CYS A 26 -19.39 -1.36 -22.29
C CYS A 26 -19.62 -2.85 -22.33
N PRO A 27 -18.84 -3.61 -21.56
CA PRO A 27 -18.92 -5.08 -21.48
C PRO A 27 -20.27 -5.59 -20.95
N PHE A 28 -20.94 -4.76 -20.18
CA PHE A 28 -22.20 -5.13 -19.55
C PHE A 28 -23.47 -4.63 -20.28
N THR A 29 -23.47 -3.38 -20.72
CA THR A 29 -24.64 -2.81 -21.40
C THR A 29 -24.50 -2.73 -22.91
N GLY A 30 -23.25 -2.74 -23.39
CA GLY A 30 -23.04 -2.67 -24.83
C GLY A 30 -22.49 -1.33 -25.28
N ALA A 31 -22.36 -1.17 -26.59
CA ALA A 31 -21.84 0.07 -27.16
C ALA A 31 -22.70 1.30 -26.90
N VAL A 32 -22.04 2.44 -26.72
CA VAL A 32 -22.70 3.73 -26.48
C VAL A 32 -21.76 4.80 -27.05
N ARG A 33 -22.32 5.60 -27.96
CA ARG A 33 -21.58 6.67 -28.65
C ARG A 33 -21.72 7.98 -27.90
N GLY A 34 -20.59 8.68 -27.69
CA GLY A 34 -20.62 9.94 -26.98
C GLY A 34 -19.30 10.65 -27.17
N THR A 35 -18.98 11.52 -26.22
CA THR A 35 -17.77 12.29 -26.27
C THR A 35 -16.70 11.83 -25.29
N LEU A 36 -15.47 11.70 -25.79
CA LEU A 36 -14.34 11.30 -24.96
C LEU A 36 -13.46 12.53 -24.74
N THR A 37 -13.16 12.79 -23.48
CA THR A 37 -12.35 13.93 -23.11
C THR A 37 -11.18 13.48 -22.25
N VAL A 38 -10.04 14.12 -22.46
CA VAL A 38 -8.84 13.84 -21.69
C VAL A 38 -8.39 15.15 -21.04
N THR A 39 -8.19 15.14 -19.73
CA THR A 39 -7.70 16.34 -19.03
C THR A 39 -6.30 16.01 -18.51
N ASN A 40 -5.78 16.85 -17.62
CA ASN A 40 -4.46 16.57 -17.09
C ASN A 40 -4.64 15.66 -15.88
N TYR A 41 -5.89 15.35 -15.53
CA TYR A 41 -6.17 14.50 -14.38
C TYR A 41 -7.00 13.26 -14.70
N ARG A 42 -7.96 13.40 -15.62
CA ARG A 42 -8.82 12.24 -15.87
C ARG A 42 -9.09 11.96 -17.33
N LEU A 43 -9.69 10.83 -17.56
CA LEU A 43 -10.34 10.36 -18.80
C LEU A 43 -11.86 10.41 -18.52
N TYR A 44 -12.57 11.17 -19.30
CA TYR A 44 -14.03 11.28 -19.14
C TYR A 44 -14.82 10.90 -20.39
N PHE A 45 -15.81 10.02 -20.27
CA PHE A 45 -16.64 9.66 -21.41
C PHE A 45 -18.09 9.88 -21.00
N LYS A 46 -18.83 10.65 -21.79
CA LYS A 46 -20.23 10.88 -21.49
C LYS A 46 -21.08 10.84 -22.74
N SER A 47 -22.23 10.19 -22.64
CA SER A 47 -23.16 10.06 -23.75
C SER A 47 -24.59 10.42 -23.31
N MET A 48 -25.23 11.29 -24.06
CA MET A 48 -26.61 11.80 -23.83
C MET A 48 -27.57 10.95 -24.66
N GLU A 49 -26.99 9.89 -25.15
CA GLU A 49 -27.62 8.92 -26.07
C GLU A 49 -28.18 7.76 -25.31
N ARG A 50 -28.19 8.00 -24.00
CA ARG A 50 -28.90 7.15 -23.01
C ARG A 50 -29.59 8.07 -22.03
N ASP A 51 -30.28 7.53 -21.04
CA ASP A 51 -30.84 8.36 -20.01
C ASP A 51 -30.65 7.87 -18.61
N PRO A 52 -30.45 8.44 -17.35
CA PRO A 52 -29.43 9.52 -17.03
C PRO A 52 -28.41 9.34 -18.21
N PRO A 53 -27.61 10.37 -18.55
CA PRO A 53 -26.50 10.13 -19.48
C PRO A 53 -25.56 9.04 -18.97
N PHE A 54 -24.90 8.34 -19.90
CA PHE A 54 -23.93 7.32 -19.53
C PHE A 54 -22.66 8.09 -19.21
N VAL A 55 -22.03 7.76 -18.10
CA VAL A 55 -20.80 8.46 -17.72
C VAL A 55 -19.72 7.51 -17.23
N LEU A 56 -18.54 7.64 -17.83
CA LEU A 56 -17.36 6.86 -17.47
C LEU A 56 -16.35 7.91 -17.03
N ASP A 57 -15.92 7.82 -15.78
CA ASP A 57 -15.00 8.80 -15.22
C ASP A 57 -13.87 8.11 -14.47
N ALA A 58 -12.67 8.12 -15.04
CA ALA A 58 -11.54 7.47 -14.39
C ALA A 58 -10.31 8.35 -14.31
N SER A 59 -9.56 8.20 -13.22
CA SER A 59 -8.35 8.97 -13.05
C SER A 59 -7.35 8.41 -14.06
N LEU A 60 -6.57 9.29 -14.69
CA LEU A 60 -5.57 8.84 -15.66
C LEU A 60 -4.55 7.96 -14.97
N GLY A 61 -4.38 8.20 -13.67
CA GLY A 61 -3.41 7.43 -12.89
C GLY A 61 -3.68 5.94 -12.82
N VAL A 62 -4.89 5.50 -13.13
CA VAL A 62 -5.15 4.06 -13.05
C VAL A 62 -4.78 3.40 -14.36
N ILE A 63 -4.39 4.20 -15.34
CA ILE A 63 -4.04 3.62 -16.63
C ILE A 63 -2.59 3.17 -16.62
N ASN A 64 -2.34 1.90 -16.94
CA ASN A 64 -0.94 1.58 -17.03
C ASN A 64 -0.46 1.60 -18.45
N ARG A 65 -1.33 1.04 -19.30
CA ARG A 65 -1.12 0.91 -20.74
C ARG A 65 -2.25 1.58 -21.55
N VAL A 66 -1.98 1.79 -22.82
CA VAL A 66 -2.91 2.24 -23.86
C VAL A 66 -2.56 1.45 -25.15
N GLU A 67 -3.44 0.65 -25.69
CA GLU A 67 -3.14 -0.12 -26.90
C GLU A 67 -4.04 0.28 -28.04
N LYS A 68 -3.47 0.31 -29.25
CA LYS A 68 -4.24 0.64 -30.45
C LYS A 68 -4.87 -0.67 -30.89
N ILE A 69 -6.14 -0.61 -31.29
CA ILE A 69 -6.86 -1.79 -31.74
C ILE A 69 -7.29 -1.60 -33.19
N GLY A 70 -6.81 -2.48 -34.05
CA GLY A 70 -7.12 -2.44 -35.46
C GLY A 70 -6.42 -1.31 -36.21
N GLY A 71 -6.82 -1.21 -37.43
CA GLY A 71 -6.36 -0.27 -38.47
C GLY A 71 -7.50 -0.03 -39.45
N ALA A 72 -7.25 0.73 -40.50
CA ALA A 72 -8.38 0.85 -41.50
C ALA A 72 -8.53 -0.54 -42.14
N SER A 73 -7.48 -1.36 -41.90
CA SER A 73 -7.40 -2.72 -42.41
C SER A 73 -8.32 -3.59 -41.55
N SER A 74 -9.33 -2.93 -40.96
CA SER A 74 -10.31 -3.59 -40.10
C SER A 74 -11.71 -3.17 -40.53
N ARG A 75 -12.40 -4.05 -41.24
CA ARG A 75 -13.75 -3.77 -41.73
C ARG A 75 -14.82 -3.91 -40.64
N GLY A 76 -14.49 -4.60 -39.56
CA GLY A 76 -15.43 -4.80 -38.48
C GLY A 76 -16.00 -3.57 -37.79
N GLU A 77 -17.24 -3.75 -37.34
CA GLU A 77 -17.97 -2.72 -36.59
C GLU A 77 -17.29 -2.55 -35.24
N ASN A 78 -16.79 -1.33 -35.03
CA ASN A 78 -16.15 -0.92 -33.77
C ASN A 78 -14.90 -1.74 -33.57
N SER A 79 -14.28 -2.08 -34.73
CA SER A 79 -13.02 -2.78 -34.71
C SER A 79 -11.80 -1.92 -34.60
N TYR A 80 -11.97 -0.63 -34.81
CA TYR A 80 -10.87 0.32 -34.83
C TYR A 80 -10.98 1.25 -33.62
N GLY A 81 -9.94 1.29 -32.78
CA GLY A 81 -10.01 2.16 -31.61
C GLY A 81 -8.88 2.01 -30.62
N LEU A 82 -9.21 2.21 -29.34
CA LEU A 82 -8.22 2.13 -28.29
C LEU A 82 -8.68 1.32 -27.10
N GLU A 83 -7.72 0.90 -26.29
CA GLU A 83 -8.02 0.15 -25.08
C GLU A 83 -7.05 0.57 -23.98
N THR A 84 -7.59 1.02 -22.84
CA THR A 84 -6.75 1.40 -21.73
C THR A 84 -6.84 0.27 -20.70
N VAL A 85 -5.68 -0.29 -20.35
CA VAL A 85 -5.57 -1.37 -19.36
C VAL A 85 -5.42 -0.66 -18.02
N CYS A 86 -6.29 -0.93 -17.06
CA CYS A 86 -6.23 -0.20 -15.79
C CYS A 86 -5.78 -0.97 -14.56
N LYS A 87 -5.28 -0.21 -13.57
CA LYS A 87 -4.79 -0.76 -12.32
C LYS A 87 -5.91 -1.13 -11.39
N ASP A 88 -7.09 -0.68 -11.65
CA ASP A 88 -8.25 -0.87 -10.78
C ASP A 88 -9.21 -1.91 -11.25
N ILE A 89 -8.66 -3.01 -11.83
CA ILE A 89 -9.48 -4.18 -12.01
C ILE A 89 -10.52 -3.97 -13.07
N ARG A 90 -9.95 -3.40 -14.16
CA ARG A 90 -10.76 -3.29 -15.37
C ARG A 90 -9.91 -3.01 -16.59
N ASN A 91 -10.53 -2.92 -17.73
CA ASN A 91 -9.96 -2.39 -18.98
C ASN A 91 -11.05 -1.56 -19.66
N LEU A 92 -10.68 -0.57 -20.41
CA LEU A 92 -11.70 0.27 -21.09
C LEU A 92 -11.44 0.22 -22.57
N ARG A 93 -12.44 -0.01 -23.37
CA ARG A 93 -12.27 -0.12 -24.83
C ARG A 93 -13.13 0.94 -25.54
N PHE A 94 -12.52 1.68 -26.47
CA PHE A 94 -13.26 2.70 -27.20
C PHE A 94 -13.08 2.45 -28.69
N ALA A 95 -14.10 2.79 -29.47
CA ALA A 95 -14.02 2.60 -30.90
C ALA A 95 -14.11 3.96 -31.54
N HIS A 96 -13.23 4.21 -32.52
CA HIS A 96 -13.18 5.48 -33.25
C HIS A 96 -13.40 5.18 -34.72
N LYS A 97 -13.77 6.20 -35.49
CA LYS A 97 -13.97 6.03 -36.92
C LYS A 97 -12.69 6.51 -37.58
N PRO A 98 -12.06 5.71 -38.46
CA PRO A 98 -10.82 6.20 -39.09
C PRO A 98 -10.92 7.61 -39.69
N GLU A 99 -11.96 7.84 -40.50
CA GLU A 99 -12.14 9.15 -41.14
C GLU A 99 -12.38 10.27 -40.14
N GLY A 100 -12.67 9.92 -38.90
CA GLY A 100 -12.91 10.93 -37.89
C GLY A 100 -11.60 11.54 -37.39
N ARG A 101 -10.50 10.86 -37.66
CA ARG A 101 -9.17 11.29 -37.23
C ARG A 101 -9.05 11.78 -35.78
N THR A 102 -9.55 10.97 -34.84
CA THR A 102 -9.48 11.30 -33.43
C THR A 102 -8.59 10.33 -32.67
N ARG A 103 -8.50 9.10 -33.17
CA ARG A 103 -7.71 8.09 -32.47
C ARG A 103 -6.27 8.46 -32.16
N ARG A 104 -5.53 8.92 -33.17
CA ARG A 104 -4.15 9.27 -32.92
C ARG A 104 -4.03 10.31 -31.82
N SER A 105 -4.81 11.38 -31.96
CA SER A 105 -4.80 12.48 -30.99
C SER A 105 -5.14 11.99 -29.58
N ILE A 106 -6.19 11.20 -29.45
CA ILE A 106 -6.55 10.70 -28.12
C ILE A 106 -5.42 9.80 -27.60
N PHE A 107 -4.96 8.88 -28.44
CA PHE A 107 -3.88 7.99 -28.04
C PHE A 107 -2.68 8.77 -27.52
N GLU A 108 -2.24 9.77 -28.27
CA GLU A 108 -1.10 10.59 -27.89
C GLU A 108 -1.29 11.38 -26.62
N ASN A 109 -2.48 11.96 -26.46
CA ASN A 109 -2.74 12.74 -25.26
C ASN A 109 -2.84 11.85 -24.03
N LEU A 110 -3.32 10.63 -24.22
CA LEU A 110 -3.42 9.68 -23.12
C LEU A 110 -2.01 9.27 -22.70
N MET A 111 -1.18 8.94 -23.68
CA MET A 111 0.20 8.54 -23.40
C MET A 111 0.94 9.67 -22.72
N LYS A 112 0.60 10.89 -23.07
CA LYS A 112 1.26 12.05 -22.48
C LYS A 112 0.78 12.37 -21.07
N TYR A 113 -0.52 12.50 -20.88
CA TYR A 113 -1.03 12.87 -19.57
C TYR A 113 -1.23 11.76 -18.53
N ALA A 114 -1.32 10.51 -18.96
CA ALA A 114 -1.45 9.42 -18.00
C ALA A 114 -0.05 9.06 -17.48
N PHE A 115 0.98 9.44 -18.25
CA PHE A 115 2.36 9.15 -17.87
C PHE A 115 3.21 10.41 -17.92
N PRO A 116 2.84 11.42 -17.13
CA PRO A 116 3.57 12.68 -17.08
C PRO A 116 5.03 12.54 -16.73
N VAL A 117 5.34 11.64 -15.81
CA VAL A 117 6.71 11.45 -15.38
C VAL A 117 7.56 11.02 -16.56
N SER A 118 7.04 10.09 -17.35
CA SER A 118 7.74 9.60 -18.53
C SER A 118 7.83 10.70 -19.60
N ASN A 119 6.94 11.69 -19.57
CA ASN A 119 6.95 12.76 -20.56
C ASN A 119 7.44 14.10 -19.99
N ASN A 120 8.16 14.01 -18.88
CA ASN A 120 8.70 15.17 -18.19
C ASN A 120 7.66 16.23 -17.84
N LEU A 121 6.50 15.77 -17.38
CA LEU A 121 5.44 16.66 -16.96
C LEU A 121 5.17 16.35 -15.50
N PRO A 122 4.53 17.26 -14.79
CA PRO A 122 4.28 16.90 -13.41
C PRO A 122 3.04 16.01 -13.22
N LEU A 123 3.00 15.34 -12.08
CA LEU A 123 1.85 14.54 -11.61
C LEU A 123 0.79 15.57 -11.11
N PHE A 124 -0.47 15.22 -11.32
CA PHE A 124 -1.54 16.18 -11.09
C PHE A 124 -1.53 16.77 -9.72
N ALA A 125 -0.98 16.03 -8.81
CA ALA A 125 -0.94 16.49 -7.43
C ALA A 125 -0.30 17.88 -7.32
N PHE A 126 0.66 18.16 -8.19
CA PHE A 126 1.32 19.47 -8.14
C PHE A 126 0.53 20.59 -8.79
N GLU A 127 -0.45 20.21 -9.62
CA GLU A 127 -1.30 21.17 -10.33
C GLU A 127 -2.60 21.39 -9.58
N TYR A 128 -2.98 20.40 -8.75
CA TYR A 128 -4.23 20.35 -7.91
C TYR A 128 -4.23 21.44 -6.84
N LYS A 129 -5.07 22.46 -7.07
CA LYS A 129 -5.05 23.67 -6.30
C LYS A 129 -6.20 23.96 -5.40
N GLU A 130 -7.00 22.90 -5.14
CA GLU A 130 -8.14 23.09 -4.23
C GLU A 130 -7.64 23.30 -2.77
N VAL A 131 -8.47 23.94 -1.91
CA VAL A 131 -8.11 24.18 -0.51
C VAL A 131 -9.14 23.56 0.44
N PHE A 132 -8.68 22.95 1.51
CA PHE A 132 -9.55 22.30 2.49
C PHE A 132 -9.42 22.90 3.86
N PRO A 133 -10.42 22.69 4.74
CA PRO A 133 -10.40 23.23 6.10
C PRO A 133 -9.23 22.66 6.92
N GLU A 134 -9.03 21.34 6.82
CA GLU A 134 -7.94 20.68 7.55
C GLU A 134 -6.71 20.47 6.68
N ASN A 135 -5.54 20.43 7.31
CA ASN A 135 -4.32 20.19 6.57
C ASN A 135 -3.79 18.81 6.97
N GLY A 136 -4.07 17.82 6.13
CA GLY A 136 -3.62 16.45 6.39
C GLY A 136 -2.13 16.29 6.67
N TRP A 137 -1.29 17.19 6.17
CA TRP A 137 0.15 17.07 6.42
C TRP A 137 0.49 17.33 7.89
N LYS A 138 -0.45 17.88 8.65
CA LYS A 138 -0.21 18.17 10.06
C LYS A 138 -0.74 17.04 10.95
N LEU A 139 -1.33 16.04 10.32
CA LEU A 139 -1.92 14.91 11.03
C LEU A 139 -0.93 14.03 11.82
N TYR A 140 0.14 13.58 11.17
CA TYR A 140 1.10 12.71 11.85
C TYR A 140 2.30 13.46 12.45
N ASP A 141 2.53 13.25 13.74
CA ASP A 141 3.66 13.85 14.46
C ASP A 141 4.37 12.71 15.21
N PRO A 142 5.50 12.24 14.67
CA PRO A 142 6.27 11.15 15.27
C PRO A 142 6.43 11.22 16.78
N LEU A 143 6.98 12.33 17.25
CA LEU A 143 7.20 12.53 18.67
C LEU A 143 5.93 12.38 19.51
N LEU A 144 4.84 12.92 18.98
CA LEU A 144 3.54 12.86 19.65
C LEU A 144 2.96 11.45 19.65
N GLU A 145 3.18 10.70 18.58
CA GLU A 145 2.71 9.32 18.50
C GLU A 145 3.44 8.51 19.57
N TYR A 146 4.76 8.67 19.65
CA TYR A 146 5.55 7.97 20.64
C TYR A 146 5.10 8.33 22.05
N ARG A 147 4.80 9.61 22.28
CA ARG A 147 4.33 10.05 23.59
C ARG A 147 3.07 9.29 23.95
N ARG A 148 2.18 9.13 22.97
CA ARG A 148 0.92 8.42 23.17
C ARG A 148 1.22 7.00 23.63
N GLN A 149 2.35 6.46 23.18
CA GLN A 149 2.74 5.11 23.54
C GLN A 149 3.57 5.08 24.82
N GLY A 150 3.83 6.26 25.37
CA GLY A 150 4.57 6.23 26.64
C GLY A 150 6.06 6.04 26.30
N ILE A 151 6.33 6.66 25.13
CA ILE A 151 7.62 6.79 24.54
C ILE A 151 8.31 8.08 24.59
N PRO A 152 9.54 8.69 24.79
CA PRO A 152 10.78 8.07 25.42
C PRO A 152 10.51 7.74 26.86
N ASN A 153 11.07 6.67 27.37
CA ASN A 153 10.88 6.23 28.77
C ASN A 153 12.18 5.76 29.32
N GLU A 154 12.26 4.84 30.24
CA GLU A 154 13.44 4.28 30.85
C GLU A 154 14.11 3.23 30.02
N SER A 155 13.28 2.46 29.31
CA SER A 155 13.76 1.36 28.48
C SER A 155 14.02 1.76 27.04
N TRP A 156 13.30 2.78 26.58
CA TRP A 156 13.44 3.24 25.20
C TRP A 156 13.68 4.73 25.05
N ARG A 157 14.70 5.08 24.28
CA ARG A 157 15.04 6.48 24.03
C ARG A 157 14.84 6.84 22.56
N ILE A 158 14.71 8.13 22.28
CA ILE A 158 14.57 8.60 20.91
C ILE A 158 15.93 9.10 20.48
N THR A 159 16.46 8.55 19.39
CA THR A 159 17.76 9.00 18.90
C THR A 159 17.54 9.88 17.70
N LYS A 160 18.39 10.89 17.55
CA LYS A 160 18.31 11.82 16.44
C LYS A 160 19.40 11.51 15.41
N ILE A 161 20.05 10.37 15.58
CA ILE A 161 21.13 9.97 14.67
C ILE A 161 20.73 9.95 13.19
N ASN A 162 19.45 9.79 12.88
CA ASN A 162 19.02 9.77 11.48
C ASN A 162 18.32 11.08 11.11
N GLU A 163 18.54 12.12 11.92
CA GLU A 163 17.95 13.43 11.70
C GLU A 163 18.26 13.91 10.29
N ARG A 164 19.33 13.40 9.70
CA ARG A 164 19.64 13.77 8.33
C ARG A 164 19.84 12.56 7.46
N TYR A 165 19.12 11.52 7.82
CA TYR A 165 19.10 10.24 7.11
C TYR A 165 20.48 9.64 6.81
N GLU A 166 21.45 9.91 7.67
CA GLU A 166 22.82 9.37 7.53
C GLU A 166 22.86 7.90 7.89
N LEU A 167 22.13 7.52 8.95
CA LEU A 167 22.08 6.13 9.41
C LEU A 167 21.41 5.23 8.39
N CYS A 168 20.20 5.60 8.00
CA CYS A 168 19.43 4.84 7.03
C CYS A 168 18.53 5.80 6.25
N ASP A 169 18.83 5.99 4.98
CA ASP A 169 18.05 6.94 4.18
C ASP A 169 16.63 6.53 3.78
N THR A 170 16.23 5.32 4.14
CA THR A 170 14.88 4.85 3.82
C THR A 170 14.01 4.81 5.05
N TYR A 171 14.64 5.23 6.15
CA TYR A 171 14.06 5.34 7.47
C TYR A 171 13.62 6.76 7.84
N PRO A 172 12.68 6.67 8.92
CA PRO A 172 12.29 8.11 9.25
C PRO A 172 13.40 8.83 10.03
N ALA A 173 13.21 10.13 10.22
CA ALA A 173 14.20 11.02 10.86
C ALA A 173 14.45 10.64 12.31
N LEU A 174 13.36 10.41 13.03
CA LEU A 174 13.44 10.03 14.44
C LEU A 174 13.27 8.52 14.61
N LEU A 175 14.12 7.93 15.43
CA LEU A 175 14.08 6.50 15.68
C LEU A 175 14.09 6.19 17.17
N VAL A 176 13.36 5.14 17.56
CA VAL A 176 13.29 4.71 18.95
C VAL A 176 14.07 3.41 19.10
N VAL A 177 15.09 3.43 19.96
CA VAL A 177 15.96 2.30 20.20
C VAL A 177 16.10 2.07 21.72
N PRO A 178 16.68 0.92 22.11
CA PRO A 178 16.86 0.63 23.55
C PRO A 178 17.64 1.76 24.23
N ALA A 179 17.13 2.24 25.36
CA ALA A 179 17.76 3.33 26.10
C ALA A 179 19.26 3.15 26.36
N ASN A 180 19.71 1.91 26.52
CA ASN A 180 21.13 1.67 26.80
C ASN A 180 22.03 1.45 25.59
N ILE A 181 21.51 1.68 24.38
CA ILE A 181 22.33 1.50 23.19
C ILE A 181 22.70 2.86 22.64
N PRO A 182 24.00 3.20 22.63
CA PRO A 182 24.53 4.47 22.12
C PRO A 182 24.57 4.51 20.59
N ASP A 183 24.48 5.72 20.04
CA ASP A 183 24.48 5.89 18.59
C ASP A 183 25.62 5.23 17.80
N GLU A 184 26.84 5.35 18.30
CA GLU A 184 27.99 4.76 17.61
C GLU A 184 27.75 3.27 17.41
N GLU A 185 26.97 2.69 18.32
CA GLU A 185 26.64 1.29 18.23
C GLU A 185 25.54 1.10 17.19
N LEU A 186 24.61 2.05 17.12
CA LEU A 186 23.54 1.95 16.12
C LEU A 186 24.22 1.89 14.76
N LYS A 187 25.30 2.65 14.60
CA LYS A 187 26.03 2.67 13.34
C LYS A 187 26.60 1.31 12.94
N ARG A 188 27.01 0.53 13.92
CA ARG A 188 27.56 -0.79 13.60
C ARG A 188 26.44 -1.75 13.24
N VAL A 189 25.34 -1.69 13.98
CA VAL A 189 24.20 -2.55 13.68
C VAL A 189 23.74 -2.25 12.25
N ALA A 190 23.77 -0.96 11.90
CA ALA A 190 23.35 -0.54 10.57
C ALA A 190 24.16 -1.15 9.43
N SER A 191 25.43 -1.47 9.65
CA SER A 191 26.23 -2.05 8.59
C SER A 191 26.00 -3.56 8.46
N PHE A 192 25.34 -4.15 9.45
CA PHE A 192 25.03 -5.58 9.41
C PHE A 192 23.63 -5.82 8.85
N ARG A 193 22.73 -4.84 9.02
CA ARG A 193 21.36 -4.97 8.53
C ARG A 193 21.22 -4.42 7.12
N SER A 194 20.50 -5.14 6.28
CA SER A 194 20.32 -4.72 4.89
C SER A 194 19.82 -3.28 4.75
N ARG A 195 20.53 -2.51 3.93
CA ARG A 195 20.21 -1.10 3.67
C ARG A 195 20.19 -0.24 4.93
N GLY A 196 20.86 -0.69 5.98
CA GLY A 196 20.93 0.01 7.25
C GLY A 196 19.61 0.11 7.99
N ARG A 197 18.64 -0.70 7.58
CA ARG A 197 17.34 -0.68 8.21
C ARG A 197 17.39 -1.53 9.49
N ILE A 198 17.99 -0.94 10.53
CA ILE A 198 18.15 -1.61 11.81
C ILE A 198 16.85 -1.80 12.57
N PRO A 199 16.85 -2.64 13.61
CA PRO A 199 15.62 -2.85 14.37
C PRO A 199 15.28 -1.58 15.15
N VAL A 200 14.06 -1.09 15.00
CA VAL A 200 13.63 0.10 15.72
C VAL A 200 12.21 -0.13 16.16
N LEU A 201 11.79 0.58 17.20
CA LEU A 201 10.44 0.41 17.72
C LEU A 201 9.28 0.85 16.84
N SER A 202 8.24 0.01 16.79
CA SER A 202 7.00 0.27 16.04
C SER A 202 5.88 0.46 17.06
N TRP A 203 5.81 -0.44 18.03
CA TRP A 203 4.76 -0.39 19.03
C TRP A 203 5.19 -1.02 20.33
N ILE A 204 4.71 -0.47 21.44
CA ILE A 204 5.03 -1.05 22.74
C ILE A 204 3.72 -1.26 23.49
N HIS A 205 3.61 -2.39 24.17
CA HIS A 205 2.41 -2.72 24.93
C HIS A 205 2.40 -1.81 26.15
N PRO A 206 1.28 -1.11 26.40
CA PRO A 206 1.22 -0.21 27.57
C PRO A 206 1.33 -0.84 28.95
N GLU A 207 1.11 -2.15 29.04
CA GLU A 207 1.16 -2.81 30.34
C GLU A 207 2.37 -3.75 30.55
N SER A 208 2.63 -4.60 29.58
CA SER A 208 3.72 -5.53 29.67
C SER A 208 5.06 -4.99 29.24
N GLN A 209 5.05 -3.94 28.40
CA GLN A 209 6.31 -3.44 27.84
C GLN A 209 6.93 -4.38 26.82
N ALA A 210 6.09 -5.34 26.39
CA ALA A 210 6.55 -6.16 25.21
C ALA A 210 6.47 -5.28 23.94
N THR A 211 7.44 -5.39 23.05
CA THR A 211 7.40 -4.47 21.93
C THR A 211 7.32 -5.24 20.58
N ILE A 212 7.05 -4.49 19.56
CA ILE A 212 7.17 -4.79 18.16
C ILE A 212 8.25 -3.83 17.57
N THR A 213 9.36 -4.42 17.21
CA THR A 213 10.42 -3.74 16.45
C THR A 213 10.40 -4.22 14.98
N ARG A 214 10.97 -3.47 14.05
CA ARG A 214 11.01 -3.86 12.64
C ARG A 214 12.36 -3.57 12.04
N CYS A 215 12.74 -4.34 11.02
CA CYS A 215 14.05 -4.17 10.39
C CYS A 215 14.12 -4.95 9.10
N SER A 216 15.30 -4.96 8.49
CA SER A 216 15.53 -5.73 7.26
C SER A 216 16.33 -6.96 7.69
N GLN A 217 16.68 -7.81 6.73
CA GLN A 217 17.43 -9.01 7.04
C GLN A 217 18.88 -8.74 7.45
N PRO A 218 19.45 -9.65 8.26
CA PRO A 218 20.84 -9.53 8.72
C PRO A 218 21.73 -10.02 7.58
N MET A 219 22.85 -9.35 7.35
CA MET A 219 23.72 -9.73 6.25
C MET A 219 24.68 -10.84 6.68
N VAL A 220 24.12 -12.04 6.83
CA VAL A 220 24.88 -13.20 7.27
C VAL A 220 25.75 -13.80 6.18
N GLY A 221 25.22 -13.92 4.97
CA GLY A 221 25.99 -14.47 3.86
C GLY A 221 26.29 -15.95 3.93
N VAL A 222 26.93 -16.49 2.88
CA VAL A 222 27.36 -17.88 2.74
C VAL A 222 28.23 -18.38 3.86
N SER A 223 29.13 -17.59 4.37
CA SER A 223 29.82 -17.85 5.65
C SER A 223 28.93 -17.23 6.76
N GLY A 224 29.05 -17.75 7.97
CA GLY A 224 28.18 -17.33 9.07
C GLY A 224 28.47 -15.99 9.63
N LYS A 225 28.74 -14.99 8.83
CA LYS A 225 29.11 -13.70 9.40
C LYS A 225 28.19 -13.30 10.54
N ARG A 226 28.79 -12.90 11.64
CA ARG A 226 27.95 -12.52 12.76
C ARG A 226 28.19 -11.07 13.12
N SER A 227 27.21 -10.41 13.70
CA SER A 227 27.42 -9.03 14.17
C SER A 227 27.25 -9.04 15.70
N LYS A 228 28.31 -8.91 16.42
CA LYS A 228 28.28 -8.94 17.90
C LYS A 228 27.37 -7.79 18.38
N GLU A 229 27.40 -6.65 17.70
CA GLU A 229 26.58 -5.52 18.09
C GLU A 229 25.09 -5.73 17.81
N ASP A 230 24.79 -6.44 16.73
CA ASP A 230 23.41 -6.72 16.37
C ASP A 230 22.87 -7.69 17.40
N GLU A 231 23.69 -8.67 17.77
CA GLU A 231 23.30 -9.65 18.77
C GLU A 231 23.02 -8.95 20.10
N LYS A 232 23.89 -8.02 20.48
CA LYS A 232 23.71 -7.29 21.74
C LYS A 232 22.47 -6.41 21.63
N TYR A 233 22.26 -5.83 20.44
CA TYR A 233 21.10 -4.98 20.20
C TYR A 233 19.82 -5.76 20.47
N LEU A 234 19.71 -6.95 19.88
CA LEU A 234 18.53 -7.76 20.09
C LEU A 234 18.42 -8.20 21.54
N GLN A 235 19.56 -8.41 22.19
CA GLN A 235 19.52 -8.80 23.59
C GLN A 235 18.99 -7.61 24.38
N ALA A 236 19.42 -6.41 23.99
CA ALA A 236 18.99 -5.19 24.65
C ALA A 236 17.49 -5.04 24.50
N ILE A 237 16.96 -5.44 23.34
CA ILE A 237 15.53 -5.36 23.10
C ILE A 237 14.83 -6.26 24.09
N MET A 238 15.38 -7.45 24.30
CA MET A 238 14.80 -8.42 25.22
C MET A 238 14.94 -8.02 26.69
N ASP A 239 16.10 -7.49 27.06
CA ASP A 239 16.33 -7.11 28.44
C ASP A 239 15.39 -6.01 28.90
N SER A 240 14.78 -5.24 27.97
CA SER A 240 13.84 -4.16 28.31
C SER A 240 12.47 -4.66 28.73
N ASN A 241 12.02 -5.73 28.04
CA ASN A 241 10.82 -6.47 28.48
C ASN A 241 11.20 -7.50 29.58
N ALA A 242 10.84 -7.11 30.80
CA ALA A 242 11.12 -7.84 32.04
C ALA A 242 10.40 -9.15 32.21
N GLN A 243 9.52 -9.50 31.28
CA GLN A 243 8.77 -10.72 31.34
C GLN A 243 9.34 -11.92 30.70
N SER A 244 9.02 -12.24 29.46
CA SER A 244 9.48 -13.43 28.78
C SER A 244 10.99 -13.49 28.83
N HIS A 245 11.49 -14.69 28.90
CA HIS A 245 12.94 -14.85 28.94
C HIS A 245 13.45 -15.17 27.53
N LYS A 246 12.75 -14.66 26.51
CA LYS A 246 13.12 -14.91 25.12
C LYS A 246 12.44 -13.89 24.19
N ILE A 247 12.97 -13.73 22.98
CA ILE A 247 12.35 -12.85 22.01
C ILE A 247 11.97 -13.67 20.82
N PHE A 248 11.02 -13.18 20.05
CA PHE A 248 10.60 -13.86 18.85
C PHE A 248 10.94 -13.03 17.63
N ILE A 249 11.47 -13.69 16.62
CA ILE A 249 11.77 -13.02 15.38
C ILE A 249 10.87 -13.64 14.31
N PHE A 250 10.00 -12.83 13.75
CA PHE A 250 9.17 -13.23 12.67
C PHE A 250 9.71 -12.74 11.34
N ASP A 251 10.34 -13.72 10.67
CA ASP A 251 10.80 -13.57 9.27
C ASP A 251 9.59 -13.88 8.37
N ALA A 252 9.15 -12.86 7.64
CA ALA A 252 7.95 -12.99 6.79
C ALA A 252 8.07 -13.96 5.65
N ARG A 253 9.27 -14.36 5.32
CA ARG A 253 9.56 -15.22 4.21
C ARG A 253 9.46 -16.72 4.44
N PRO A 254 9.16 -17.33 3.17
CA PRO A 254 9.24 -18.82 3.38
C PRO A 254 10.76 -19.16 3.54
N SER A 255 10.99 -20.30 4.19
CA SER A 255 12.34 -20.70 4.58
C SER A 255 13.24 -20.80 3.40
N VAL A 256 12.65 -21.30 2.34
CA VAL A 256 13.42 -21.47 1.10
C VAL A 256 13.96 -20.14 0.59
N ASN A 257 13.15 -19.10 0.68
CA ASN A 257 13.57 -17.78 0.20
C ASN A 257 14.58 -17.13 1.13
N ALA A 258 14.43 -17.39 2.42
CA ALA A 258 15.37 -16.88 3.41
C ALA A 258 16.72 -17.56 3.17
N VAL A 259 16.70 -18.84 2.82
CA VAL A 259 17.95 -19.56 2.58
C VAL A 259 18.58 -19.05 1.28
N ALA A 260 17.73 -18.76 0.29
CA ALA A 260 18.21 -18.25 -1.00
C ALA A 260 18.85 -16.88 -0.82
N ASN A 261 18.29 -16.06 0.08
CA ASN A 261 18.86 -14.74 0.33
C ASN A 261 20.23 -14.88 1.00
N LYS A 262 20.34 -15.84 1.90
CA LYS A 262 21.60 -16.10 2.58
C LYS A 262 22.67 -16.31 1.51
N ALA A 263 22.32 -17.10 0.50
CA ALA A 263 23.17 -17.38 -0.67
C ALA A 263 23.54 -16.13 -1.41
N LYS A 264 22.60 -15.17 -1.49
CA LYS A 264 22.97 -13.89 -2.11
C LYS A 264 23.62 -12.90 -1.19
N GLY A 265 23.72 -13.20 0.12
CA GLY A 265 24.45 -12.27 1.00
C GLY A 265 23.71 -11.87 2.22
N GLY A 266 22.41 -12.13 2.17
CA GLY A 266 21.56 -11.76 3.29
C GLY A 266 21.41 -12.94 4.23
N GLY A 267 20.17 -13.26 4.62
CA GLY A 267 19.97 -14.40 5.49
C GLY A 267 19.02 -14.17 6.63
N TYR A 268 19.21 -14.91 7.72
CA TYR A 268 18.35 -14.81 8.89
C TYR A 268 19.14 -15.09 10.17
N GLU A 269 18.53 -14.82 11.32
CA GLU A 269 19.18 -15.02 12.62
C GLU A 269 19.23 -16.51 12.98
N SER A 270 20.42 -17.07 13.07
CA SER A 270 20.59 -18.49 13.38
C SER A 270 20.38 -18.80 14.86
N GLU A 271 20.16 -20.07 15.17
CA GLU A 271 19.96 -20.44 16.56
C GLU A 271 21.22 -20.28 17.39
N ASP A 272 22.38 -20.37 16.73
CA ASP A 272 23.66 -20.23 17.45
C ASP A 272 24.02 -18.80 17.77
N ALA A 273 23.81 -17.92 16.80
CA ALA A 273 24.16 -16.52 16.95
C ALA A 273 23.18 -15.76 17.82
N TYR A 274 21.93 -16.16 17.82
CA TYR A 274 20.94 -15.46 18.64
C TYR A 274 20.31 -16.42 19.62
N GLN A 275 21.06 -16.67 20.69
CA GLN A 275 20.69 -17.58 21.76
C GLN A 275 19.35 -17.37 22.45
N ASN A 276 18.94 -16.12 22.60
CA ASN A 276 17.68 -15.86 23.29
C ASN A 276 16.55 -15.46 22.38
N ALA A 277 16.62 -15.94 21.14
CA ALA A 277 15.60 -15.63 20.15
C ALA A 277 15.10 -16.89 19.44
N GLU A 278 13.80 -16.93 19.18
CA GLU A 278 13.22 -18.05 18.44
C GLU A 278 12.70 -17.45 17.14
N LEU A 279 13.19 -17.97 16.01
CA LEU A 279 12.78 -17.45 14.72
C LEU A 279 11.70 -18.31 14.07
N VAL A 280 10.74 -17.65 13.44
CA VAL A 280 9.62 -18.31 12.76
C VAL A 280 9.49 -17.77 11.34
N PHE A 281 9.34 -18.65 10.35
CA PHE A 281 9.17 -18.26 8.95
C PHE A 281 7.67 -18.20 8.68
N LEU A 282 7.19 -17.06 8.15
CA LEU A 282 5.75 -16.89 7.90
C LEU A 282 5.21 -17.32 6.54
N ASP A 283 6.09 -17.76 5.66
CA ASP A 283 5.71 -18.26 4.32
C ASP A 283 4.93 -17.30 3.41
N ILE A 284 5.24 -16.00 3.51
CA ILE A 284 4.61 -14.98 2.68
C ILE A 284 5.57 -14.70 1.52
N HIS A 285 5.11 -14.95 0.29
CA HIS A 285 5.96 -14.81 -0.89
C HIS A 285 6.29 -13.38 -1.28
N ASN A 286 7.26 -13.26 -2.18
CA ASN A 286 7.74 -11.95 -2.61
C ASN A 286 6.83 -11.14 -3.55
N ILE A 287 7.26 -9.92 -3.87
CA ILE A 287 6.47 -9.02 -4.71
C ILE A 287 6.12 -9.56 -6.09
N HIS A 288 7.01 -10.38 -6.65
CA HIS A 288 6.74 -10.92 -7.98
C HIS A 288 5.60 -11.94 -7.93
N VAL A 289 5.52 -12.69 -6.85
CA VAL A 289 4.46 -13.66 -6.70
C VAL A 289 3.14 -12.95 -6.49
N MET A 290 3.13 -11.89 -5.69
CA MET A 290 1.88 -11.18 -5.47
C MET A 290 1.38 -10.50 -6.74
N ARG A 291 2.29 -9.93 -7.54
CA ARG A 291 1.92 -9.29 -8.78
C ARG A 291 1.22 -10.32 -9.69
N GLU A 292 1.78 -11.52 -9.77
CA GLU A 292 1.22 -12.56 -10.60
C GLU A 292 -0.16 -13.06 -10.09
N SER A 293 -0.33 -13.12 -8.76
CA SER A 293 -1.61 -13.56 -8.19
C SER A 293 -2.69 -12.58 -8.58
N LEU A 294 -2.43 -11.28 -8.46
CA LEU A 294 -3.44 -10.28 -8.84
C LEU A 294 -3.74 -10.37 -10.34
N ARG A 295 -2.72 -10.60 -11.16
CA ARG A 295 -2.93 -10.71 -12.60
C ARG A 295 -3.93 -11.83 -12.88
N LYS A 296 -3.76 -12.96 -12.21
CA LYS A 296 -4.67 -14.10 -12.38
C LYS A 296 -6.08 -13.76 -11.90
N LEU A 297 -6.17 -13.02 -10.81
CA LEU A 297 -7.47 -12.63 -10.28
C LEU A 297 -8.22 -11.69 -11.23
N LYS A 298 -7.51 -10.68 -11.77
CA LYS A 298 -8.17 -9.73 -12.67
C LYS A 298 -8.81 -10.45 -13.85
N GLU A 299 -8.10 -11.45 -14.38
CA GLU A 299 -8.60 -12.17 -15.52
C GLU A 299 -9.82 -13.07 -15.25
N ILE A 300 -10.08 -13.41 -13.99
CA ILE A 300 -11.26 -14.22 -13.72
C ILE A 300 -12.43 -13.37 -13.24
N VAL A 301 -12.16 -12.15 -12.75
CA VAL A 301 -13.31 -11.37 -12.28
C VAL A 301 -13.87 -10.44 -13.32
N TYR A 302 -12.92 -9.97 -14.15
CA TYR A 302 -13.27 -8.95 -15.14
C TYR A 302 -13.31 -9.35 -16.52
N PRO A 303 -14.10 -9.04 -17.62
CA PRO A 303 -15.51 -8.45 -17.54
C PRO A 303 -16.49 -9.35 -16.85
N ASN A 304 -16.51 -10.62 -17.29
CA ASN A 304 -17.55 -11.55 -16.86
C ASN A 304 -17.05 -12.75 -16.07
N ILE A 305 -17.74 -13.07 -14.98
CA ILE A 305 -17.35 -14.22 -14.16
C ILE A 305 -18.00 -15.48 -14.69
N GLU A 306 -17.27 -16.58 -14.65
CA GLU A 306 -17.76 -17.87 -15.10
C GLU A 306 -18.11 -18.60 -13.81
N GLU A 307 -19.37 -18.40 -13.39
CA GLU A 307 -19.92 -18.94 -12.15
C GLU A 307 -19.71 -20.41 -11.87
N THR A 308 -19.73 -21.23 -12.91
CA THR A 308 -19.57 -22.66 -12.72
C THR A 308 -18.32 -23.07 -11.96
N HIS A 309 -17.20 -22.43 -12.27
CA HIS A 309 -15.94 -22.75 -11.61
C HIS A 309 -15.36 -21.59 -10.83
N TRP A 310 -16.22 -20.70 -10.34
CA TRP A 310 -15.75 -19.56 -9.57
C TRP A 310 -14.78 -19.95 -8.46
N LEU A 311 -15.24 -20.82 -7.56
CA LEU A 311 -14.42 -21.25 -6.42
C LEU A 311 -13.08 -21.85 -6.80
N SER A 312 -13.05 -22.75 -7.76
CA SER A 312 -11.78 -23.37 -8.15
C SER A 312 -10.93 -22.38 -8.94
N ASN A 313 -11.56 -21.45 -9.65
CA ASN A 313 -10.79 -20.47 -10.41
C ASN A 313 -10.19 -19.50 -9.39
N LEU A 314 -10.98 -19.12 -8.39
CA LEU A 314 -10.48 -18.23 -7.36
C LEU A 314 -9.30 -18.92 -6.65
N GLU A 315 -9.47 -20.20 -6.35
CA GLU A 315 -8.41 -20.94 -5.69
C GLU A 315 -7.11 -20.89 -6.50
N SER A 316 -7.22 -21.08 -7.81
CA SER A 316 -6.02 -21.09 -8.63
C SER A 316 -5.28 -19.76 -8.74
N THR A 317 -5.93 -18.65 -8.36
CA THR A 317 -5.26 -17.36 -8.37
C THR A 317 -4.24 -17.26 -7.21
N HIS A 318 -4.65 -17.81 -6.10
CA HIS A 318 -3.99 -17.89 -4.82
C HIS A 318 -4.02 -16.53 -4.12
N TRP A 319 -4.92 -15.68 -4.66
CA TRP A 319 -5.13 -14.38 -4.00
C TRP A 319 -5.50 -14.51 -2.54
N LEU A 320 -6.57 -15.24 -2.27
CA LEU A 320 -7.01 -15.35 -0.89
C LEU A 320 -6.06 -16.12 0.01
N GLU A 321 -5.24 -16.99 -0.58
CA GLU A 321 -4.28 -17.74 0.19
C GLU A 321 -3.19 -16.76 0.68
N HIS A 322 -2.84 -15.81 -0.17
CA HIS A 322 -1.83 -14.83 0.22
C HIS A 322 -2.41 -13.93 1.32
N ILE A 323 -3.65 -13.51 1.14
CA ILE A 323 -4.32 -12.68 2.14
C ILE A 323 -4.31 -13.45 3.46
N LYS A 324 -4.61 -14.74 3.37
CA LYS A 324 -4.65 -15.56 4.56
C LYS A 324 -3.31 -15.66 5.27
N LEU A 325 -2.23 -15.89 4.52
CA LEU A 325 -0.94 -16.00 5.15
C LEU A 325 -0.50 -14.68 5.79
N ILE A 326 -0.82 -13.57 5.14
CA ILE A 326 -0.47 -12.27 5.70
C ILE A 326 -1.21 -12.02 7.03
N LEU A 327 -2.52 -12.29 7.07
CA LEU A 327 -3.30 -12.10 8.30
C LEU A 327 -2.88 -13.09 9.37
N ALA A 328 -2.59 -14.33 8.97
CA ALA A 328 -2.18 -15.35 9.92
C ALA A 328 -0.86 -14.94 10.55
N GLY A 329 0.01 -14.33 9.76
CA GLY A 329 1.29 -13.90 10.29
C GLY A 329 1.11 -12.74 11.27
N ALA A 330 0.28 -11.77 10.91
CA ALA A 330 0.02 -10.62 11.78
C ALA A 330 -0.58 -11.14 13.09
N LEU A 331 -1.48 -12.10 12.95
CA LEU A 331 -2.11 -12.74 14.11
C LEU A 331 -1.08 -13.33 15.04
N ARG A 332 -0.12 -14.07 14.48
CA ARG A 332 0.90 -14.69 15.31
C ARG A 332 1.73 -13.66 16.07
N ILE A 333 2.02 -12.56 15.40
CA ILE A 333 2.78 -11.50 16.02
C ILE A 333 1.98 -10.89 17.19
N ALA A 334 0.74 -10.51 16.92
CA ALA A 334 -0.12 -9.89 17.94
C ALA A 334 -0.30 -10.77 19.17
N ASP A 335 -0.51 -12.07 18.93
CA ASP A 335 -0.72 -13.01 20.00
C ASP A 335 0.55 -13.23 20.83
N LYS A 336 1.71 -13.27 20.17
CA LYS A 336 2.97 -13.44 20.89
C LYS A 336 3.16 -12.25 21.83
N VAL A 337 2.80 -11.06 21.37
CA VAL A 337 2.94 -9.85 22.18
C VAL A 337 1.88 -9.77 23.27
N GLU A 338 0.62 -9.91 22.88
CA GLU A 338 -0.51 -9.81 23.81
C GLU A 338 -0.60 -10.90 24.89
N SER A 339 -0.77 -12.16 24.49
CA SER A 339 -0.89 -13.24 25.47
C SER A 339 0.46 -13.85 25.79
N GLY A 340 1.45 -13.60 24.93
CA GLY A 340 2.76 -14.15 25.17
C GLY A 340 3.64 -13.20 25.98
N LYS A 341 3.21 -11.95 26.11
CA LYS A 341 3.98 -10.95 26.85
C LYS A 341 5.42 -10.95 26.35
N THR A 342 5.61 -11.37 25.09
CA THR A 342 6.93 -11.44 24.51
C THR A 342 7.17 -10.40 23.43
N SER A 343 8.37 -9.85 23.40
CA SER A 343 8.72 -8.86 22.39
C SER A 343 9.02 -9.61 21.09
N VAL A 344 8.73 -8.94 19.97
CA VAL A 344 8.93 -9.55 18.66
C VAL A 344 9.65 -8.62 17.68
N VAL A 345 10.54 -9.20 16.89
CA VAL A 345 11.27 -8.45 15.88
C VAL A 345 10.70 -8.93 14.54
N VAL A 346 10.18 -8.01 13.74
CA VAL A 346 9.62 -8.37 12.44
C VAL A 346 10.51 -7.92 11.27
N HIS A 347 10.80 -8.86 10.37
CA HIS A 347 11.57 -8.43 9.20
C HIS A 347 11.17 -9.24 8.00
N SER A 348 11.76 -8.99 6.86
CA SER A 348 11.59 -9.71 5.57
C SER A 348 12.89 -9.78 4.87
N SER A 349 12.99 -9.51 3.54
CA SER A 349 14.40 -9.37 3.08
C SER A 349 14.88 -7.93 3.37
N ASP A 350 14.09 -6.98 2.81
CA ASP A 350 14.34 -5.55 2.72
C ASP A 350 13.70 -4.84 3.90
N GLY A 351 12.67 -5.47 4.44
CA GLY A 351 11.95 -4.87 5.53
C GLY A 351 11.02 -3.75 5.22
N TRP A 352 10.62 -3.60 3.94
CA TRP A 352 9.74 -2.51 3.61
C TRP A 352 8.36 -2.90 3.19
N ASP A 353 8.26 -4.11 2.61
CA ASP A 353 7.00 -4.57 1.99
C ASP A 353 6.16 -5.44 2.87
N ARG A 354 6.63 -6.68 3.09
CA ARG A 354 5.92 -7.64 3.92
C ARG A 354 5.98 -7.20 5.36
N THR A 355 7.11 -6.60 5.71
CA THR A 355 7.28 -6.12 7.08
C THR A 355 6.27 -5.04 7.42
N ALA A 356 6.02 -4.11 6.48
CA ALA A 356 5.04 -3.04 6.67
C ALA A 356 3.64 -3.64 6.82
N GLN A 357 3.37 -4.67 6.03
CA GLN A 357 2.06 -5.35 6.11
C GLN A 357 1.89 -5.97 7.50
N LEU A 358 2.91 -6.69 7.97
CA LEU A 358 2.86 -7.38 9.26
C LEU A 358 2.78 -6.48 10.49
N THR A 359 3.67 -5.51 10.61
CA THR A 359 3.63 -4.62 11.78
C THR A 359 2.30 -3.89 11.83
N SER A 360 1.92 -3.23 10.74
CA SER A 360 0.67 -2.46 10.75
C SER A 360 -0.58 -3.31 11.06
N LEU A 361 -0.66 -4.51 10.51
CA LEU A 361 -1.84 -5.32 10.80
C LEU A 361 -1.85 -5.78 12.26
N ALA A 362 -0.69 -6.16 12.78
CA ALA A 362 -0.64 -6.60 14.21
C ALA A 362 -1.05 -5.45 15.13
N MET A 363 -0.53 -4.29 14.78
CA MET A 363 -0.79 -3.01 15.43
C MET A 363 -2.26 -2.66 15.45
N LEU A 364 -2.94 -2.90 14.34
CA LEU A 364 -4.38 -2.70 14.21
C LEU A 364 -5.16 -3.66 15.14
N MET A 365 -4.64 -4.88 15.26
CA MET A 365 -5.33 -5.79 16.12
C MET A 365 -5.23 -5.35 17.57
N LEU A 366 -4.00 -4.94 17.94
CA LEU A 366 -3.70 -4.66 19.32
C LEU A 366 -4.18 -3.36 19.86
N ASP A 367 -4.04 -2.29 19.08
CA ASP A 367 -4.32 -0.94 19.54
C ASP A 367 -5.54 -0.30 18.93
N GLY A 368 -6.58 -0.07 19.70
CA GLY A 368 -7.80 0.53 19.20
C GLY A 368 -7.62 1.93 18.64
N TYR A 369 -6.52 2.60 19.00
CA TYR A 369 -6.29 3.94 18.47
C TYR A 369 -6.20 3.88 16.94
N TYR A 370 -5.41 2.94 16.43
CA TYR A 370 -5.23 2.78 14.99
C TYR A 370 -6.51 2.43 14.27
N ARG A 371 -7.54 2.06 15.03
CA ARG A 371 -8.82 1.72 14.44
C ARG A 371 -9.73 2.95 14.29
N THR A 372 -9.27 4.10 14.75
CA THR A 372 -10.06 5.33 14.57
C THR A 372 -9.67 5.84 13.18
N ILE A 373 -10.45 6.75 12.63
CA ILE A 373 -10.12 7.26 11.31
C ILE A 373 -8.77 7.98 11.36
N ARG A 374 -8.59 8.86 12.33
CA ARG A 374 -7.33 9.61 12.43
C ARG A 374 -6.17 8.70 12.82
N GLY A 375 -6.44 7.71 13.67
CA GLY A 375 -5.38 6.80 14.09
C GLY A 375 -4.94 5.92 12.93
N PHE A 376 -5.87 5.56 12.04
CA PHE A 376 -5.54 4.71 10.89
C PHE A 376 -4.69 5.52 9.91
N GLU A 377 -5.01 6.81 9.79
CA GLU A 377 -4.28 7.70 8.91
C GLU A 377 -2.87 7.81 9.48
N VAL A 378 -2.77 7.89 10.81
CA VAL A 378 -1.47 7.94 11.44
C VAL A 378 -0.71 6.64 11.15
N LEU A 379 -1.40 5.51 11.22
CA LEU A 379 -0.75 4.21 10.97
C LEU A 379 -0.13 4.13 9.58
N VAL A 380 -0.83 4.68 8.59
CA VAL A 380 -0.36 4.66 7.20
C VAL A 380 0.85 5.59 7.08
N GLU A 381 0.69 6.80 7.60
CA GLU A 381 1.78 7.79 7.59
C GLU A 381 3.02 7.24 8.30
N LYS A 382 2.79 6.48 9.36
CA LYS A 382 3.87 5.92 10.17
C LYS A 382 4.55 4.65 9.66
N GLU A 383 3.81 3.57 9.60
CA GLU A 383 4.38 2.28 9.17
C GLU A 383 4.61 2.12 7.66
N TRP A 384 3.94 2.93 6.87
CA TRP A 384 4.10 2.81 5.42
C TRP A 384 4.89 3.93 4.82
N LEU A 385 4.42 5.16 5.00
CA LEU A 385 5.12 6.28 4.41
C LEU A 385 6.47 6.59 5.07
N SER A 386 6.48 6.84 6.38
CA SER A 386 7.74 7.20 7.04
C SER A 386 8.75 6.08 7.03
N PHE A 387 8.31 4.83 7.00
CA PHE A 387 9.17 3.68 7.01
C PHE A 387 9.63 3.17 5.67
N GLY A 388 9.25 3.88 4.60
CA GLY A 388 9.89 3.66 3.32
C GLY A 388 9.32 2.59 2.47
N HIS A 389 8.00 2.30 2.64
CA HIS A 389 7.36 1.47 1.59
C HIS A 389 7.42 2.31 0.29
N ARG A 390 8.15 1.72 -0.66
CA ARG A 390 8.42 2.40 -1.94
C ARG A 390 7.21 2.52 -2.80
N PHE A 391 6.33 3.49 -2.46
CA PHE A 391 5.06 3.69 -3.16
C PHE A 391 5.14 4.00 -4.61
N GLN A 392 5.92 5.00 -4.98
CA GLN A 392 6.00 5.41 -6.37
C GLN A 392 6.50 4.30 -7.28
N LEU A 393 7.38 3.48 -6.77
CA LEU A 393 7.93 2.39 -7.56
C LEU A 393 6.98 1.19 -7.63
N ARG A 394 6.29 0.93 -6.52
CA ARG A 394 5.37 -0.21 -6.49
C ARG A 394 4.12 0.08 -7.31
N VAL A 395 3.78 1.36 -7.44
CA VAL A 395 2.59 1.72 -8.22
C VAL A 395 2.95 2.15 -9.64
N GLY A 396 4.12 2.76 -9.81
CA GLY A 396 4.53 3.22 -11.13
C GLY A 396 3.91 4.56 -11.52
N HIS A 397 3.73 5.47 -10.56
CA HIS A 397 3.10 6.75 -10.84
C HIS A 397 3.63 7.44 -12.11
N GLY A 398 2.69 7.76 -13.01
CA GLY A 398 3.00 8.47 -14.25
C GLY A 398 4.15 7.94 -15.10
N ASP A 399 4.38 6.64 -15.03
CA ASP A 399 5.48 5.97 -15.73
C ASP A 399 4.92 4.93 -16.71
N LYS A 400 5.32 5.06 -17.98
CA LYS A 400 4.83 4.18 -19.04
C LYS A 400 5.37 2.78 -19.06
N ASN A 401 6.34 2.47 -18.18
CA ASN A 401 6.96 1.14 -18.17
C ASN A 401 6.12 0.16 -17.38
N HIS A 402 5.03 -0.28 -18.01
CA HIS A 402 4.07 -1.20 -17.41
C HIS A 402 4.61 -2.57 -16.99
N ALA A 403 5.71 -3.00 -17.60
CA ALA A 403 6.26 -4.31 -17.28
C ALA A 403 7.30 -4.26 -16.15
N ASP A 404 7.52 -3.09 -15.55
CA ASP A 404 8.49 -2.94 -14.48
C ASP A 404 8.25 -4.00 -13.41
N ALA A 405 9.29 -4.76 -13.06
CA ALA A 405 9.13 -5.83 -12.09
C ALA A 405 9.03 -5.34 -10.65
N ASP A 406 9.08 -4.03 -10.45
CA ASP A 406 8.98 -3.47 -9.09
C ASP A 406 7.52 -3.18 -8.73
N ARG A 407 6.63 -3.27 -9.71
CA ARG A 407 5.22 -3.02 -9.45
C ARG A 407 4.63 -4.24 -8.76
N SER A 408 3.92 -4.01 -7.66
CA SER A 408 3.33 -5.11 -6.91
C SER A 408 2.27 -4.51 -5.99
N PRO A 409 1.13 -5.20 -5.83
CA PRO A 409 0.01 -4.73 -4.99
C PRO A 409 0.17 -4.95 -3.48
N VAL A 410 1.32 -4.58 -2.93
CA VAL A 410 1.61 -4.76 -1.51
C VAL A 410 0.68 -3.96 -0.60
N PHE A 411 0.53 -2.67 -0.87
CA PHE A 411 -0.38 -1.86 -0.03
C PHE A 411 -1.83 -2.29 -0.27
N LEU A 412 -2.16 -2.62 -1.51
CA LEU A 412 -3.50 -3.09 -1.82
C LEU A 412 -3.81 -4.31 -0.93
N GLN A 413 -2.89 -5.29 -0.88
CA GLN A 413 -3.12 -6.46 -0.01
C GLN A 413 -3.35 -6.05 1.43
N PHE A 414 -2.58 -5.08 1.91
CA PHE A 414 -2.76 -4.61 3.28
C PHE A 414 -4.20 -4.10 3.49
N ILE A 415 -4.68 -3.23 2.58
CA ILE A 415 -6.02 -2.67 2.68
C ILE A 415 -7.08 -3.79 2.61
N ASP A 416 -6.82 -4.79 1.77
CA ASP A 416 -7.70 -5.95 1.64
C ASP A 416 -7.78 -6.61 3.03
N CYS A 417 -6.63 -6.83 3.67
CA CYS A 417 -6.61 -7.44 5.01
C CYS A 417 -7.35 -6.59 6.04
N VAL A 418 -7.25 -5.28 5.89
CA VAL A 418 -7.94 -4.40 6.82
C VAL A 418 -9.43 -4.58 6.62
N TRP A 419 -9.87 -4.62 5.36
CA TRP A 419 -11.28 -4.82 5.05
C TRP A 419 -11.77 -6.14 5.63
N GLN A 420 -10.94 -7.20 5.54
CA GLN A 420 -11.33 -8.51 6.09
C GLN A 420 -11.65 -8.38 7.59
N MET A 421 -10.84 -7.62 8.32
CA MET A 421 -11.08 -7.47 9.75
C MET A 421 -12.34 -6.67 9.98
N THR A 422 -12.54 -5.68 9.13
CA THR A 422 -13.70 -4.81 9.19
C THR A 422 -14.99 -5.65 9.03
N ARG A 423 -14.91 -6.69 8.19
CA ARG A 423 -16.05 -7.59 7.97
C ARG A 423 -16.31 -8.37 9.24
N GLN A 424 -15.25 -8.94 9.81
CA GLN A 424 -15.36 -9.74 11.01
C GLN A 424 -15.66 -8.93 12.27
N PHE A 425 -15.32 -7.65 12.27
CA PHE A 425 -15.57 -6.81 13.42
C PHE A 425 -16.25 -5.53 12.95
N PRO A 426 -17.54 -5.64 12.59
CA PRO A 426 -18.33 -4.52 12.11
C PRO A 426 -18.50 -3.27 13.00
N THR A 427 -18.06 -3.34 14.25
CA THR A 427 -18.18 -2.15 15.10
C THR A 427 -16.85 -1.73 15.68
N ALA A 428 -15.78 -2.45 15.33
CA ALA A 428 -14.46 -2.14 15.87
C ALA A 428 -13.74 -0.98 15.20
N PHE A 429 -14.14 -0.64 13.97
CA PHE A 429 -13.50 0.45 13.24
C PHE A 429 -14.38 1.68 13.02
N GLU A 430 -13.79 2.87 13.21
CA GLU A 430 -14.52 4.13 13.03
C GLU A 430 -14.71 4.43 11.55
N PHE A 431 -13.83 3.91 10.69
CA PHE A 431 -13.95 4.16 9.25
C PHE A 431 -14.75 3.07 8.57
N ASN A 432 -15.30 3.36 7.40
CA ASN A 432 -16.09 2.40 6.66
C ASN A 432 -15.37 1.92 5.39
N GLU A 433 -16.04 1.04 4.64
CA GLU A 433 -15.50 0.47 3.42
C GLU A 433 -15.17 1.58 2.41
N TYR A 434 -16.08 2.55 2.31
CA TYR A 434 -15.92 3.66 1.40
C TYR A 434 -14.59 4.35 1.65
N PHE A 435 -14.17 4.39 2.91
CA PHE A 435 -12.91 5.02 3.30
C PHE A 435 -11.75 4.22 2.72
N LEU A 436 -11.85 2.89 2.79
CA LEU A 436 -10.79 2.02 2.26
C LEU A 436 -10.68 2.07 0.72
N ILE A 437 -11.83 2.06 0.05
CA ILE A 437 -11.85 2.12 -1.41
C ILE A 437 -11.37 3.50 -1.89
N THR A 438 -11.70 4.54 -1.13
CA THR A 438 -11.29 5.88 -1.47
C THR A 438 -9.75 5.94 -1.37
N ILE A 439 -9.20 5.31 -0.35
CA ILE A 439 -7.74 5.28 -0.19
C ILE A 439 -7.10 4.56 -1.39
N LEU A 440 -7.72 3.48 -1.84
CA LEU A 440 -7.18 2.73 -2.97
C LEU A 440 -7.33 3.46 -4.29
N ASP A 441 -8.37 4.28 -4.41
CA ASP A 441 -8.54 5.02 -5.65
C ASP A 441 -7.49 6.10 -5.73
N HIS A 442 -7.22 6.77 -4.60
CA HIS A 442 -6.23 7.82 -4.63
C HIS A 442 -4.79 7.32 -4.58
N LEU A 443 -4.62 6.05 -4.23
CA LEU A 443 -3.30 5.44 -4.24
C LEU A 443 -2.82 5.54 -5.71
N TYR A 444 -3.75 5.39 -6.64
CA TYR A 444 -3.44 5.46 -8.08
C TYR A 444 -3.68 6.84 -8.73
N SER A 445 -4.67 7.58 -8.23
CA SER A 445 -5.03 8.84 -8.80
C SER A 445 -3.91 9.85 -8.95
N CYS A 446 -3.09 9.95 -7.94
CA CYS A 446 -2.05 10.98 -7.87
C CYS A 446 -2.68 12.35 -7.84
N LEU A 447 -3.91 12.42 -7.30
CA LEU A 447 -4.50 13.74 -7.02
C LEU A 447 -3.79 14.42 -5.83
N PHE A 448 -3.44 13.60 -4.83
CA PHE A 448 -2.76 14.06 -3.63
C PHE A 448 -1.29 13.67 -3.61
N GLY A 449 -0.53 14.26 -2.68
CA GLY A 449 0.89 13.95 -2.61
C GLY A 449 1.18 12.87 -1.58
N THR A 450 0.13 12.41 -0.90
CA THR A 450 0.28 11.40 0.15
C THR A 450 1.02 10.13 -0.23
N PHE A 451 0.70 9.55 -1.39
CA PHE A 451 1.38 8.31 -1.81
C PHE A 451 2.44 8.47 -2.90
N LEU A 452 3.00 9.64 -3.01
CA LEU A 452 4.11 9.88 -3.94
C LEU A 452 5.43 9.67 -3.22
N CYS A 453 6.50 9.57 -3.97
CA CYS A 453 7.85 9.32 -3.51
C CYS A 453 8.03 8.09 -2.68
N ASN A 454 9.28 7.67 -2.47
CA ASN A 454 9.54 6.28 -2.03
C ASN A 454 10.12 6.28 -0.65
N SER A 455 10.33 7.49 -0.13
CA SER A 455 10.84 7.58 1.24
C SER A 455 10.48 8.93 1.86
N GLU A 456 10.64 9.02 3.16
CA GLU A 456 10.33 10.26 3.87
C GLU A 456 11.33 11.31 3.38
N GLN A 457 12.60 10.94 3.32
CA GLN A 457 13.62 11.88 2.86
C GLN A 457 13.22 12.51 1.53
N GLN A 458 12.79 11.69 0.57
CA GLN A 458 12.37 12.20 -0.74
C GLN A 458 11.20 13.17 -0.66
N ARG A 459 10.20 12.82 0.13
CA ARG A 459 9.05 13.70 0.26
C ARG A 459 9.45 15.06 0.84
N GLY A 460 10.46 15.06 1.71
CA GLY A 460 10.93 16.29 2.30
C GLY A 460 11.67 17.15 1.28
N LYS A 461 12.55 16.50 0.51
CA LYS A 461 13.33 17.17 -0.51
C LYS A 461 12.43 17.74 -1.61
N GLU A 462 11.33 17.06 -1.87
CA GLU A 462 10.38 17.47 -2.88
C GLU A 462 9.32 18.40 -2.29
N ASN A 463 9.39 18.59 -0.98
CA ASN A 463 8.48 19.45 -0.22
C ASN A 463 7.02 19.21 -0.58
N LEU A 464 6.56 17.99 -0.43
CA LEU A 464 5.18 17.64 -0.74
C LEU A 464 4.16 18.36 0.16
N PRO A 465 4.47 18.51 1.46
CA PRO A 465 3.54 19.20 2.37
C PRO A 465 3.12 20.58 1.88
N LYS A 466 4.04 21.24 1.19
CA LYS A 466 3.81 22.58 0.69
C LYS A 466 3.52 22.66 -0.80
N ARG A 467 3.84 21.60 -1.54
CA ARG A 467 3.61 21.59 -2.98
C ARG A 467 2.39 20.78 -3.40
N THR A 468 1.88 19.95 -2.50
CA THR A 468 0.73 19.12 -2.81
C THR A 468 -0.26 19.07 -1.66
N VAL A 469 -1.44 18.55 -1.94
CA VAL A 469 -2.47 18.42 -0.93
C VAL A 469 -2.48 17.00 -0.36
N SER A 470 -2.66 16.88 0.95
CA SER A 470 -2.68 15.58 1.60
C SER A 470 -4.06 14.96 1.42
N LEU A 471 -4.10 13.64 1.22
CA LEU A 471 -5.38 12.94 1.05
C LEU A 471 -6.23 13.12 2.30
N TRP A 472 -5.57 13.20 3.45
CA TRP A 472 -6.26 13.36 4.73
C TRP A 472 -6.97 14.72 4.79
N SER A 473 -6.45 15.69 4.06
CA SER A 473 -7.07 17.01 4.01
C SER A 473 -8.48 16.85 3.46
N TYR A 474 -8.58 16.10 2.36
CA TYR A 474 -9.86 15.85 1.73
C TYR A 474 -10.78 15.04 2.61
N ILE A 475 -10.27 13.92 3.10
CA ILE A 475 -11.04 13.00 3.93
C ILE A 475 -11.52 13.58 5.27
N ASN A 476 -10.60 14.19 6.02
CA ASN A 476 -10.93 14.74 7.34
C ASN A 476 -11.85 15.96 7.34
N SER A 477 -11.88 16.67 6.26
CA SER A 477 -12.73 17.89 6.16
C SER A 477 -14.11 17.53 5.65
N GLN A 478 -14.52 16.23 5.85
CA GLN A 478 -15.68 15.64 5.10
C GLN A 478 -16.09 14.30 5.63
N LEU A 479 -16.03 14.11 6.96
CA LEU A 479 -16.16 12.86 7.63
C LEU A 479 -17.35 11.98 7.41
N GLU A 480 -18.51 12.61 7.38
CA GLU A 480 -19.79 11.92 7.29
C GLU A 480 -19.79 10.75 6.36
N ASP A 481 -19.10 10.87 5.23
CA ASP A 481 -19.00 9.79 4.23
C ASP A 481 -18.15 8.59 4.62
N PHE A 482 -17.14 8.82 5.44
CA PHE A 482 -16.22 7.74 5.80
C PHE A 482 -16.39 7.19 7.18
N THR A 483 -17.42 7.64 7.88
CA THR A 483 -17.64 7.18 9.24
C THR A 483 -18.53 5.95 9.34
N ASN A 484 -18.11 5.00 10.15
CA ASN A 484 -18.88 3.78 10.37
C ASN A 484 -19.87 4.12 11.49
N PRO A 485 -21.18 4.17 11.18
CA PRO A 485 -22.20 4.49 12.18
C PRO A 485 -22.28 3.51 13.34
N LEU A 486 -21.79 2.28 13.14
CA LEU A 486 -21.83 1.29 14.21
C LEU A 486 -20.66 1.44 15.16
N TYR A 487 -19.67 2.22 14.77
CA TYR A 487 -18.50 2.38 15.61
C TYR A 487 -18.73 2.89 17.02
N GLY A 488 -17.98 2.31 17.96
CA GLY A 488 -18.06 2.73 19.34
C GLY A 488 -18.04 1.61 20.37
N SER A 489 -18.63 0.47 20.05
CA SER A 489 -18.83 -0.72 20.92
C SER A 489 -17.60 -1.53 21.15
N TYR A 490 -16.42 -0.91 21.28
CA TYR A 490 -15.11 -1.63 21.33
C TYR A 490 -14.07 -0.48 21.56
N SER A 491 -12.82 -0.86 21.56
CA SER A 491 -11.62 -0.20 21.23
C SER A 491 -10.59 0.00 22.28
N ASN A 492 -10.73 -0.84 23.32
CA ASN A 492 -9.66 -1.13 24.27
C ASN A 492 -8.96 -2.46 23.89
N HIS A 493 -9.79 -3.44 23.53
CA HIS A 493 -9.48 -4.82 23.36
C HIS A 493 -8.79 -5.23 22.10
N VAL A 494 -8.12 -6.41 22.12
CA VAL A 494 -7.41 -6.92 20.96
C VAL A 494 -8.39 -7.58 20.01
N LEU A 495 -8.10 -7.47 18.71
CA LEU A 495 -8.94 -8.07 17.67
C LEU A 495 -8.26 -9.37 17.29
N TYR A 496 -9.02 -10.46 17.25
CA TYR A 496 -8.45 -11.74 16.85
C TYR A 496 -9.25 -12.28 15.66
N PRO A 497 -8.98 -11.74 14.45
CA PRO A 497 -9.70 -12.23 13.27
C PRO A 497 -9.32 -13.68 13.04
N VAL A 498 -10.14 -14.39 12.27
CA VAL A 498 -9.85 -15.77 11.96
C VAL A 498 -9.30 -15.79 10.54
N ALA A 499 -8.12 -16.38 10.37
CA ALA A 499 -7.50 -16.44 9.05
C ALA A 499 -7.63 -17.83 8.41
N SER A 500 -8.75 -18.08 7.73
CA SER A 500 -8.95 -19.36 7.07
C SER A 500 -9.68 -19.10 5.76
N MET A 501 -9.63 -20.07 4.85
CA MET A 501 -10.28 -19.94 3.56
C MET A 501 -11.80 -19.93 3.71
N ARG A 502 -12.28 -20.21 4.93
CA ARG A 502 -13.72 -20.23 5.16
C ARG A 502 -14.21 -19.00 5.87
N HIS A 503 -13.29 -18.18 6.37
CA HIS A 503 -13.67 -16.97 7.09
C HIS A 503 -13.31 -15.73 6.31
N LEU A 504 -12.51 -15.90 5.26
CA LEU A 504 -12.07 -14.79 4.41
C LEU A 504 -12.90 -14.75 3.13
N GLU A 505 -13.11 -13.56 2.59
CA GLU A 505 -13.90 -13.51 1.36
C GLU A 505 -13.13 -12.78 0.28
N LEU A 506 -13.65 -12.82 -0.96
CA LEU A 506 -13.09 -11.93 -2.00
C LEU A 506 -13.85 -10.59 -1.90
N TRP A 507 -13.16 -9.54 -1.62
CA TRP A 507 -13.70 -8.18 -1.55
C TRP A 507 -14.41 -7.72 -2.79
N VAL A 508 -15.66 -8.17 -2.99
CA VAL A 508 -16.46 -7.80 -4.15
C VAL A 508 -16.55 -6.30 -4.34
N GLY A 509 -16.74 -5.55 -3.25
CA GLY A 509 -16.88 -4.12 -3.35
C GLY A 509 -15.72 -3.45 -4.08
N TYR A 510 -14.55 -4.08 -4.05
CA TYR A 510 -13.40 -3.51 -4.73
C TYR A 510 -13.04 -4.21 -6.04
N TYR A 511 -12.87 -5.51 -6.00
CA TYR A 511 -12.46 -6.18 -7.20
C TYR A 511 -13.52 -6.32 -8.26
N ILE A 512 -14.80 -6.18 -7.87
CA ILE A 512 -15.91 -6.52 -8.80
C ILE A 512 -16.94 -5.44 -8.78
N ARG A 513 -16.47 -4.17 -8.73
CA ARG A 513 -17.42 -3.07 -8.54
C ARG A 513 -17.89 -2.43 -9.82
N TRP A 514 -17.42 -2.88 -10.97
CA TRP A 514 -17.71 -2.25 -12.25
C TRP A 514 -18.97 -2.70 -12.96
N ASN A 515 -19.54 -3.80 -12.49
CA ASN A 515 -20.77 -4.32 -13.07
C ASN A 515 -21.89 -3.81 -12.19
N PRO A 516 -23.02 -3.44 -12.79
CA PRO A 516 -24.14 -2.94 -11.98
C PRO A 516 -25.24 -3.98 -11.73
#